data_2VNG
#
_entry.id   2VNG
#
_cell.length_a   69.683
_cell.length_b   98.754
_cell.length_c   49.241
_cell.angle_alpha   90.00
_cell.angle_beta   90.00
_cell.angle_gamma   90.00
#
_symmetry.space_group_name_H-M   'P 21 21 2'
#
loop_
_entity.id
_entity.type
_entity.pdbx_description
1 polymer CPE0329
2 branched alpha-L-fucopyranose-(1-2)-[2-acetamido-2-deoxy-alpha-D-galactopyranose-(1-3)]beta-D-galactopyranose
3 non-polymer 'CALCIUM ION'
4 water water
#
_entity_poly.entity_id   1
_entity_poly.type   'polypeptide(L)'
_entity_poly.pdbx_seq_one_letter_code
;EVYALEESRDVYLSDLDWLNATHGDDTKSKIVQKNHPFTPGNNNQSTKISLKMEDGSISEFEKGLGTIAGSPSTITYDIS
GAGVTKFFSYLGIDRSANPINEQYAKVDKIEVVVDGKVIYSTINQFPNGLTYETPAIKVDLNIPENAKRLQLKSYAGEKT
WGDEVVYADAKFTAKGDFVN
;
_entity_poly.pdbx_strand_id   A,B
#
# COMPACT_ATOMS: atom_id res chain seq x y z
N SER A 8 -18.72 -1.83 -15.61
CA SER A 8 -17.24 -1.76 -15.38
C SER A 8 -16.97 -1.26 -13.98
N ARG A 9 -15.72 -1.46 -13.52
CA ARG A 9 -15.24 -0.86 -12.30
C ARG A 9 -13.79 -0.44 -12.42
N ASP A 10 -13.36 0.44 -11.52
CA ASP A 10 -12.02 0.99 -11.54
C ASP A 10 -11.19 0.27 -10.51
N VAL A 11 -9.96 -0.07 -10.85
CA VAL A 11 -9.03 -0.74 -9.97
C VAL A 11 -7.65 -0.03 -10.10
N TYR A 12 -7.15 0.45 -8.97
CA TYR A 12 -5.78 0.94 -8.94
C TYR A 12 -4.74 -0.09 -9.35
N LEU A 13 -3.80 0.34 -10.19
CA LEU A 13 -2.70 -0.55 -10.53
C LEU A 13 -1.94 -1.05 -9.26
N SER A 14 -1.80 -0.18 -8.28
CA SER A 14 -1.09 -0.55 -7.07
C SER A 14 -1.85 -1.60 -6.23
N ASP A 15 -3.10 -1.88 -6.61
CA ASP A 15 -3.91 -2.93 -5.91
C ASP A 15 -3.86 -4.22 -6.73
N LEU A 16 -2.98 -4.24 -7.75
CA LEU A 16 -2.73 -5.47 -8.53
C LEU A 16 -1.25 -5.83 -8.42
N ASP A 17 -0.90 -7.10 -8.71
CA ASP A 17 0.48 -7.53 -8.74
C ASP A 17 0.93 -7.46 -10.19
N TRP A 18 2.13 -6.90 -10.37
CA TRP A 18 2.71 -6.90 -11.72
C TRP A 18 3.36 -8.24 -12.00
N LEU A 19 3.61 -8.48 -13.29
CA LEU A 19 4.39 -9.64 -13.67
C LEU A 19 5.89 -9.43 -13.40
N ASN A 20 6.35 -8.19 -13.69
CA ASN A 20 7.71 -7.81 -13.38
C ASN A 20 7.77 -6.28 -13.28
N ALA A 21 8.73 -5.79 -12.53
CA ALA A 21 8.93 -4.35 -12.32
C ALA A 21 10.39 -4.06 -12.13
N THR A 22 10.98 -3.41 -13.14
CA THR A 22 12.39 -3.08 -13.12
C THR A 22 12.59 -1.57 -13.11
N HIS A 23 13.63 -1.14 -12.41
CA HIS A 23 13.89 0.27 -12.16
C HIS A 23 15.34 0.61 -12.47
N GLY A 24 15.63 1.91 -12.59
CA GLY A 24 17.04 2.28 -12.88
C GLY A 24 17.91 2.58 -11.66
N ASP A 25 17.45 2.26 -10.44
CA ASP A 25 18.27 2.53 -9.24
C ASP A 25 19.42 1.48 -9.20
N ASP A 26 20.61 1.89 -8.72
CA ASP A 26 21.76 0.97 -8.64
C ASP A 26 21.51 -0.20 -7.66
N THR A 27 20.76 0.06 -6.62
CA THR A 27 20.58 -0.95 -5.56
C THR A 27 19.37 -1.81 -5.98
N LYS A 28 19.61 -3.01 -6.53
CA LYS A 28 18.50 -3.86 -6.96
C LYS A 28 17.69 -4.43 -5.87
N SER A 29 18.17 -4.38 -4.62
CA SER A 29 17.31 -4.79 -3.54
C SER A 29 16.20 -3.79 -3.30
N LYS A 30 16.38 -2.53 -3.75
CA LYS A 30 15.23 -1.64 -3.70
C LYS A 30 14.20 -2.09 -4.78
N ILE A 31 12.92 -1.78 -4.54
CA ILE A 31 11.86 -2.27 -5.38
C ILE A 31 10.88 -1.15 -5.78
N VAL A 32 10.26 -1.34 -6.92
CA VAL A 32 9.21 -0.40 -7.32
C VAL A 32 8.17 -0.33 -6.25
N GLN A 33 7.69 0.89 -6.01
CA GLN A 33 6.80 1.12 -4.91
C GLN A 33 5.36 1.27 -5.23
N LYS A 34 4.51 0.73 -4.31
CA LYS A 34 3.09 0.92 -4.40
C LYS A 34 2.78 2.05 -3.43
N ASN A 35 2.15 3.11 -3.97
CA ASN A 35 1.60 4.16 -3.13
C ASN A 35 2.63 4.97 -2.32
N HIS A 36 3.88 5.00 -2.81
CA HIS A 36 4.93 5.85 -2.29
C HIS A 36 5.81 6.21 -3.49
N PRO A 37 6.51 7.31 -3.40
CA PRO A 37 7.59 7.48 -4.36
C PRO A 37 8.71 6.46 -4.07
N PHE A 38 9.60 6.27 -5.04
CA PHE A 38 10.52 5.16 -4.97
C PHE A 38 11.47 5.34 -3.77
N THR A 39 12.19 6.47 -3.69
CA THR A 39 13.24 6.58 -2.68
C THR A 39 12.67 6.57 -1.26
N PRO A 40 11.73 7.47 -0.98
CA PRO A 40 11.22 7.47 0.39
C PRO A 40 10.45 6.18 0.71
N GLY A 41 9.79 5.58 -0.27
CA GLY A 41 9.06 4.34 0.02
C GLY A 41 9.99 3.19 0.37
N ASN A 42 11.12 3.09 -0.34
CA ASN A 42 12.12 2.03 0.01
C ASN A 42 12.74 2.31 1.39
N ASN A 43 12.62 3.56 1.84
CA ASN A 43 13.04 3.95 3.18
C ASN A 43 11.94 3.84 4.22
N ASN A 44 10.79 3.30 3.81
CA ASN A 44 9.67 3.03 4.72
C ASN A 44 9.16 4.27 5.37
N GLN A 45 9.27 5.38 4.61
CA GLN A 45 8.64 6.63 5.04
C GLN A 45 7.19 6.77 4.59
N SER A 46 6.43 7.66 5.23
CA SER A 46 5.03 7.78 4.95
C SER A 46 4.73 8.76 3.83
N THR A 47 5.81 9.39 3.33
CA THR A 47 5.68 10.36 2.24
C THR A 47 4.78 9.86 1.14
N LYS A 48 3.78 10.71 0.80
CA LYS A 48 2.82 10.39 -0.24
C LYS A 48 3.46 10.82 -1.61
N ILE A 49 3.03 10.10 -2.65
CA ILE A 49 3.24 10.55 -4.01
C ILE A 49 2.74 11.99 -4.13
N SER A 50 3.53 12.87 -4.77
CA SER A 50 3.04 14.21 -5.04
C SER A 50 3.64 14.77 -6.33
N LEU A 51 2.80 15.54 -7.02
CA LEU A 51 3.18 16.08 -8.33
C LEU A 51 2.77 17.53 -8.41
N LYS A 52 3.54 18.26 -9.21
CA LYS A 52 3.17 19.58 -9.67
C LYS A 52 2.14 19.44 -10.75
N MET A 53 1.00 20.11 -10.55
CA MET A 53 -0.17 19.99 -11.39
CA MET A 53 -0.12 19.92 -11.43
C MET A 53 -0.03 21.02 -12.53
N GLU A 54 -1.03 21.01 -13.41
CA GLU A 54 -1.03 21.85 -14.60
C GLU A 54 -0.97 23.31 -14.21
N ASP A 55 -1.60 23.67 -13.09
CA ASP A 55 -1.58 25.08 -12.67
C ASP A 55 -0.39 25.47 -11.78
N GLY A 56 0.44 24.45 -11.51
CA GLY A 56 1.64 24.59 -10.74
C GLY A 56 1.54 24.15 -9.26
N SER A 57 0.29 23.96 -8.82
CA SER A 57 0.15 23.65 -7.40
C SER A 57 0.57 22.22 -7.20
N ILE A 58 0.84 21.84 -5.95
CA ILE A 58 1.34 20.47 -5.67
C ILE A 58 0.13 19.70 -5.15
N SER A 59 -0.13 18.52 -5.71
CA SER A 59 -1.18 17.63 -5.22
CA SER A 59 -1.17 17.64 -5.21
C SER A 59 -0.54 16.34 -4.73
N GLU A 60 -1.05 15.87 -3.60
CA GLU A 60 -0.67 14.54 -3.06
C GLU A 60 -1.68 13.52 -3.49
N PHE A 61 -1.22 12.27 -3.61
CA PHE A 61 -2.07 11.20 -4.05
C PHE A 61 -1.95 10.03 -3.08
N GLU A 62 -3.10 9.40 -2.84
CA GLU A 62 -3.06 8.23 -2.00
C GLU A 62 -2.50 7.00 -2.73
N LYS A 63 -2.81 6.87 -4.01
CA LYS A 63 -2.53 5.68 -4.70
C LYS A 63 -1.64 5.97 -5.95
N GLY A 64 -0.77 5.04 -6.28
CA GLY A 64 0.04 5.13 -7.51
C GLY A 64 1.24 4.25 -7.39
N LEU A 65 2.15 4.38 -8.39
CA LEU A 65 3.37 3.65 -8.47
C LEU A 65 4.58 4.56 -8.48
N GLY A 66 5.65 4.15 -7.81
CA GLY A 66 6.87 4.95 -7.76
C GLY A 66 8.08 4.16 -8.23
N THR A 67 8.75 4.70 -9.24
CA THR A 67 9.87 4.01 -9.88
C THR A 67 11.03 4.97 -10.12
N ILE A 68 12.15 4.42 -10.59
CA ILE A 68 13.28 5.24 -11.05
C ILE A 68 13.40 4.93 -12.51
N ALA A 69 13.43 5.96 -13.35
CA ALA A 69 13.52 5.68 -14.79
C ALA A 69 14.81 4.87 -15.11
N GLY A 70 14.79 4.15 -16.24
CA GLY A 70 15.96 3.32 -16.57
C GLY A 70 16.08 3.25 -18.09
N SER A 71 16.51 2.14 -18.61
CA SER A 71 16.77 2.09 -20.04
C SER A 71 15.99 1.10 -20.88
N PRO A 72 14.66 1.06 -20.80
CA PRO A 72 13.81 1.75 -19.84
C PRO A 72 13.63 0.93 -18.57
N SER A 73 13.06 1.52 -17.53
CA SER A 73 12.42 0.77 -16.46
C SER A 73 10.98 0.42 -16.83
N THR A 74 10.63 -0.85 -16.66
CA THR A 74 9.37 -1.39 -17.17
C THR A 74 8.60 -2.05 -16.07
N ILE A 75 7.34 -1.64 -15.95
CA ILE A 75 6.37 -2.33 -15.12
C ILE A 75 5.37 -3.02 -16.02
N THR A 76 5.23 -4.37 -15.90
CA THR A 76 4.41 -5.10 -16.80
C THR A 76 3.27 -5.73 -16.07
N TYR A 77 2.05 -5.52 -16.59
CA TYR A 77 0.85 -6.23 -16.07
C TYR A 77 0.25 -7.20 -17.10
N ASP A 78 -0.18 -8.37 -16.61
CA ASP A 78 -0.91 -9.32 -17.44
C ASP A 78 -2.41 -9.08 -17.35
N ILE A 79 -2.97 -8.41 -18.36
CA ILE A 79 -4.35 -7.97 -18.31
C ILE A 79 -5.23 -8.79 -19.23
N SER A 80 -4.78 -10.00 -19.55
CA SER A 80 -5.58 -10.94 -20.32
C SER A 80 -6.87 -11.35 -19.62
N GLY A 81 -7.95 -11.30 -20.38
CA GLY A 81 -9.31 -11.63 -19.95
C GLY A 81 -9.97 -10.65 -19.01
N ALA A 82 -9.24 -9.59 -18.65
CA ALA A 82 -9.74 -8.61 -17.65
C ALA A 82 -10.73 -7.62 -18.21
N GLY A 83 -10.79 -7.50 -19.53
CA GLY A 83 -11.73 -6.58 -20.07
C GLY A 83 -11.37 -5.13 -19.78
N VAL A 84 -10.06 -4.82 -19.72
CA VAL A 84 -9.62 -3.41 -19.51
C VAL A 84 -10.04 -2.55 -20.69
N THR A 85 -10.71 -1.44 -20.37
CA THR A 85 -11.14 -0.55 -21.40
C THR A 85 -10.53 0.84 -21.30
N LYS A 86 -9.97 1.20 -20.13
CA LYS A 86 -9.38 2.51 -19.98
C LYS A 86 -8.20 2.42 -18.98
N PHE A 87 -7.18 3.28 -19.22
CA PHE A 87 -6.10 3.48 -18.29
C PHE A 87 -6.04 5.00 -17.97
N PHE A 88 -5.89 5.36 -16.71
CA PHE A 88 -5.71 6.72 -16.29
C PHE A 88 -4.50 6.82 -15.38
N SER A 89 -3.69 7.86 -15.56
CA SER A 89 -2.67 8.15 -14.58
C SER A 89 -2.23 9.59 -14.82
N TYR A 90 -1.84 10.27 -13.76
CA TYR A 90 -0.90 11.38 -13.91
C TYR A 90 0.52 10.87 -13.98
N LEU A 91 1.33 11.55 -14.83
CA LEU A 91 2.74 11.24 -14.92
C LEU A 91 3.58 12.47 -14.54
N GLY A 92 4.66 12.18 -13.88
CA GLY A 92 5.58 13.22 -13.59
C GLY A 92 6.72 12.77 -12.72
N ILE A 93 7.59 13.74 -12.35
CA ILE A 93 8.64 13.49 -11.40
C ILE A 93 8.18 13.88 -9.95
N ASP A 94 8.25 12.91 -9.02
CA ASP A 94 7.75 13.19 -7.72
C ASP A 94 8.44 14.39 -7.09
N ARG A 95 7.69 15.19 -6.32
CA ARG A 95 8.26 16.32 -5.68
C ARG A 95 9.44 15.97 -4.77
N SER A 96 9.46 14.73 -4.27
CA SER A 96 10.51 14.35 -3.32
C SER A 96 11.86 14.30 -3.99
N ALA A 97 11.87 14.24 -5.35
CA ALA A 97 13.11 14.27 -6.06
C ALA A 97 13.88 15.57 -5.74
N ASN A 98 15.23 15.53 -5.92
CA ASN A 98 16.11 16.60 -5.57
C ASN A 98 16.82 17.12 -6.88
N PRO A 99 16.40 18.31 -7.39
CA PRO A 99 16.93 18.79 -8.67
C PRO A 99 18.26 19.49 -8.44
N ILE A 100 19.27 18.76 -8.04
CA ILE A 100 20.49 19.48 -7.59
C ILE A 100 21.26 20.16 -8.71
N ASN A 101 21.10 19.64 -9.91
CA ASN A 101 21.70 20.27 -11.07
C ASN A 101 20.96 19.74 -12.27
N GLU A 102 21.39 20.16 -13.45
CA GLU A 102 20.61 19.96 -14.63
C GLU A 102 20.63 18.50 -15.06
N GLN A 103 21.55 17.75 -14.55
CA GLN A 103 21.62 16.33 -14.85
C GLN A 103 20.66 15.48 -14.06
N TYR A 104 20.05 16.10 -13.06
CA TYR A 104 19.08 15.39 -12.21
C TYR A 104 17.63 15.62 -12.68
N ALA A 105 16.80 14.61 -12.43
CA ALA A 105 15.37 14.75 -12.64
C ALA A 105 15.08 15.15 -14.11
N LYS A 106 15.65 14.34 -15.01
CA LYS A 106 15.51 14.53 -16.46
CA LYS A 106 15.50 14.55 -16.47
C LYS A 106 15.09 13.21 -17.10
N VAL A 107 13.83 13.07 -17.52
CA VAL A 107 13.32 11.84 -18.04
C VAL A 107 12.99 12.00 -19.54
N ASP A 108 13.62 11.19 -20.41
CA ASP A 108 13.45 11.46 -21.82
C ASP A 108 12.01 11.25 -22.29
N LYS A 109 11.38 10.19 -21.78
CA LYS A 109 10.01 9.92 -22.18
C LYS A 109 9.44 8.80 -21.31
N ILE A 110 8.11 8.78 -21.25
CA ILE A 110 7.38 7.69 -20.62
C ILE A 110 6.40 7.12 -21.64
N GLU A 111 6.30 5.76 -21.79
CA GLU A 111 5.39 5.17 -22.74
C GLU A 111 4.37 4.27 -22.02
N VAL A 112 3.20 4.19 -22.59
CA VAL A 112 2.26 3.08 -22.26
C VAL A 112 2.22 2.14 -23.50
N VAL A 113 2.56 0.86 -23.28
CA VAL A 113 2.72 -0.07 -24.37
C VAL A 113 1.75 -1.24 -24.11
N VAL A 114 1.00 -1.60 -25.13
CA VAL A 114 0.05 -2.70 -25.02
C VAL A 114 0.33 -3.71 -26.13
N ASP A 115 0.71 -4.90 -25.68
CA ASP A 115 1.02 -5.99 -26.62
C ASP A 115 2.03 -5.48 -27.65
N GLY A 116 3.09 -4.86 -27.17
CA GLY A 116 4.18 -4.52 -28.09
C GLY A 116 3.98 -3.21 -28.85
N LYS A 117 2.82 -2.56 -28.71
CA LYS A 117 2.55 -1.32 -29.44
C LYS A 117 2.52 -0.13 -28.48
N VAL A 118 3.24 0.93 -28.84
CA VAL A 118 3.19 2.14 -28.05
C VAL A 118 1.86 2.82 -28.35
N ILE A 119 0.96 2.84 -27.33
CA ILE A 119 -0.36 3.45 -27.50
C ILE A 119 -0.43 4.88 -26.91
N TYR A 120 0.61 5.25 -26.14
CA TYR A 120 0.76 6.57 -25.63
C TYR A 120 2.25 6.84 -25.35
N SER A 121 2.74 8.00 -25.77
CA SER A 121 4.07 8.39 -25.38
C SER A 121 4.19 9.89 -25.06
N THR A 122 4.92 10.25 -24.00
CA THR A 122 5.13 11.67 -23.70
C THR A 122 5.95 12.36 -24.79
N ILE A 123 6.61 11.57 -25.64
CA ILE A 123 7.47 12.21 -26.64
C ILE A 123 6.68 13.07 -27.58
N ASN A 124 5.42 12.77 -27.77
CA ASN A 124 4.63 13.52 -28.75
C ASN A 124 4.40 14.96 -28.30
N GLN A 125 4.06 15.16 -27.03
CA GLN A 125 3.91 16.52 -26.47
C GLN A 125 5.18 17.12 -25.83
N PHE A 126 6.13 16.28 -25.42
CA PHE A 126 7.33 16.70 -24.76
C PHE A 126 8.54 16.09 -25.42
N PRO A 127 8.83 16.57 -26.65
CA PRO A 127 9.94 16.00 -27.33
C PRO A 127 11.24 16.08 -26.55
N ASN A 128 11.38 17.02 -25.64
CA ASN A 128 12.64 17.09 -24.88
C ASN A 128 12.50 16.53 -23.47
N GLY A 129 11.39 15.85 -23.22
CA GLY A 129 11.23 15.06 -22.02
C GLY A 129 10.68 15.86 -20.88
N LEU A 130 10.74 15.18 -19.73
CA LEU A 130 10.18 15.72 -18.50
C LEU A 130 11.31 16.21 -17.61
N THR A 131 10.99 17.23 -16.81
CA THR A 131 11.96 17.75 -15.85
C THR A 131 11.28 17.85 -14.50
N TYR A 132 12.02 18.27 -13.48
CA TYR A 132 11.40 18.42 -12.14
C TYR A 132 10.24 19.40 -12.18
N GLU A 133 10.34 20.41 -13.03
CA GLU A 133 9.28 21.47 -13.05
C GLU A 133 8.34 21.41 -14.27
N THR A 134 8.36 20.28 -15.01
CA THR A 134 7.28 20.02 -15.94
C THR A 134 5.99 19.68 -15.21
N PRO A 135 4.90 20.36 -15.58
CA PRO A 135 3.59 20.03 -14.94
C PRO A 135 3.14 18.63 -15.27
N ALA A 136 2.37 18.07 -14.34
CA ALA A 136 1.95 16.71 -14.50
C ALA A 136 1.25 16.51 -15.83
N ILE A 137 1.36 15.30 -16.42
CA ILE A 137 0.69 14.94 -17.64
C ILE A 137 -0.48 13.99 -17.29
N LYS A 138 -1.68 14.36 -17.72
CA LYS A 138 -2.90 13.58 -17.46
C LYS A 138 -3.06 12.64 -18.64
N VAL A 139 -2.95 11.32 -18.35
CA VAL A 139 -3.11 10.28 -19.31
C VAL A 139 -4.51 9.63 -19.07
N ASP A 140 -5.37 9.64 -20.07
CA ASP A 140 -6.74 9.11 -19.97
C ASP A 140 -6.96 8.43 -21.32
N LEU A 141 -6.84 7.12 -21.32
CA LEU A 141 -6.53 6.36 -22.50
C LEU A 141 -7.33 5.11 -22.78
N ASN A 142 -8.00 5.01 -23.95
CA ASN A 142 -8.67 3.73 -24.26
C ASN A 142 -7.68 2.63 -24.43
N ILE A 143 -8.04 1.41 -23.99
CA ILE A 143 -7.18 0.25 -24.12
C ILE A 143 -7.91 -0.69 -25.11
N PRO A 144 -7.15 -1.22 -26.09
CA PRO A 144 -7.74 -2.07 -27.13
C PRO A 144 -8.41 -3.32 -26.57
N GLU A 145 -9.51 -3.71 -27.15
CA GLU A 145 -10.16 -4.98 -26.78
C GLU A 145 -9.25 -6.19 -26.91
N ASN A 146 -9.41 -7.14 -26.00
CA ASN A 146 -8.60 -8.39 -26.00
C ASN A 146 -7.10 -8.26 -25.79
N ALA A 147 -6.70 -7.14 -25.17
CA ALA A 147 -5.30 -6.88 -24.85
C ALA A 147 -4.82 -7.81 -23.75
N LYS A 148 -3.55 -8.21 -23.82
CA LYS A 148 -3.00 -9.18 -22.87
C LYS A 148 -1.90 -8.66 -21.92
N ARG A 149 -1.08 -7.70 -22.44
CA ARG A 149 0.01 -7.14 -21.66
CA ARG A 149 0.01 -7.14 -21.66
C ARG A 149 -0.03 -5.63 -21.76
N LEU A 150 0.13 -4.98 -20.60
CA LEU A 150 0.32 -3.52 -20.55
C LEU A 150 1.59 -3.17 -19.80
N GLN A 151 2.40 -2.27 -20.40
CA GLN A 151 3.70 -1.99 -19.81
C GLN A 151 3.83 -0.50 -19.66
N LEU A 152 4.34 -0.06 -18.51
CA LEU A 152 4.67 1.35 -18.26
C LEU A 152 6.17 1.43 -18.34
N LYS A 153 6.66 2.23 -19.31
CA LYS A 153 8.10 2.28 -19.52
C LYS A 153 8.61 3.73 -19.35
N SER A 154 9.64 3.91 -18.50
CA SER A 154 10.16 5.23 -18.25
C SER A 154 11.63 5.19 -18.60
N TYR A 155 12.07 6.18 -19.41
CA TYR A 155 13.39 6.17 -20.04
C TYR A 155 14.23 7.32 -19.43
N ALA A 156 15.31 6.94 -18.75
CA ALA A 156 16.14 7.82 -17.96
C ALA A 156 17.02 8.76 -18.76
N GLY A 157 17.32 8.32 -19.94
CA GLY A 157 18.31 9.00 -20.75
C GLY A 157 19.71 8.85 -20.20
N GLU A 158 20.48 9.95 -20.16
CA GLU A 158 21.92 9.86 -19.88
CA GLU A 158 21.91 9.87 -19.87
C GLU A 158 22.21 9.28 -18.50
N LYS A 159 21.43 9.68 -17.50
CA LYS A 159 21.66 9.24 -16.15
C LYS A 159 20.30 8.96 -15.53
N THR A 160 20.30 8.20 -14.42
CA THR A 160 19.05 7.94 -13.72
C THR A 160 18.88 8.87 -12.51
N TRP A 161 19.83 9.78 -12.27
CA TRP A 161 19.81 10.56 -11.05
C TRP A 161 18.52 11.40 -10.91
N GLY A 162 17.86 11.31 -9.76
CA GLY A 162 16.67 12.11 -9.53
C GLY A 162 15.44 11.71 -10.33
N ASP A 163 15.52 10.62 -11.13
CA ASP A 163 14.44 10.31 -12.04
C ASP A 163 13.33 9.56 -11.32
N GLU A 164 12.76 10.23 -10.34
CA GLU A 164 11.75 9.66 -9.50
C GLU A 164 10.39 9.74 -10.16
N VAL A 165 10.17 8.84 -11.10
CA VAL A 165 8.94 8.81 -11.83
C VAL A 165 7.79 8.23 -11.04
N VAL A 166 6.66 8.96 -10.97
CA VAL A 166 5.46 8.46 -10.34
C VAL A 166 4.33 8.35 -11.36
N TYR A 167 3.55 7.26 -11.24
CA TYR A 167 2.32 7.07 -11.99
C TYR A 167 1.24 7.32 -10.92
N ALA A 168 0.85 8.60 -10.81
CA ALA A 168 -0.05 8.99 -9.71
C ALA A 168 -1.50 8.69 -10.01
N ASP A 169 -2.22 8.08 -9.05
CA ASP A 169 -3.62 7.78 -9.28
C ASP A 169 -3.86 6.75 -10.41
N ALA A 170 -2.82 5.98 -10.68
CA ALA A 170 -2.88 5.05 -11.80
C ALA A 170 -3.96 3.99 -11.59
N LYS A 171 -4.82 3.85 -12.60
CA LYS A 171 -5.95 2.95 -12.48
C LYS A 171 -6.41 2.42 -13.84
N PHE A 172 -6.88 1.18 -13.83
CA PHE A 172 -7.60 0.60 -14.97
C PHE A 172 -9.08 0.71 -14.72
N THR A 173 -9.84 0.80 -15.81
CA THR A 173 -11.22 0.53 -15.77
C THR A 173 -11.42 -0.78 -16.52
N ALA A 174 -12.20 -1.71 -15.96
CA ALA A 174 -12.25 -3.04 -16.50
C ALA A 174 -13.65 -3.62 -16.39
N LYS A 175 -14.04 -4.38 -17.41
CA LYS A 175 -15.38 -5.00 -17.45
C LYS A 175 -15.35 -6.35 -16.76
N GLY A 176 -14.15 -6.90 -16.56
CA GLY A 176 -13.95 -8.29 -16.11
C GLY A 176 -13.02 -8.35 -14.89
N ASP A 177 -12.39 -9.51 -14.66
CA ASP A 177 -11.52 -9.73 -13.50
C ASP A 177 -10.04 -10.03 -13.89
N PHE A 178 -9.10 -9.60 -13.04
CA PHE A 178 -7.67 -9.80 -13.27
C PHE A 178 -7.16 -11.20 -12.83
N GLU B 7 18.96 7.42 19.42
CA GLU B 7 17.68 7.91 18.83
C GLU B 7 16.94 6.84 18.01
N SER B 8 15.81 7.26 17.48
CA SER B 8 14.83 6.38 16.91
C SER B 8 13.89 7.17 16.02
N ARG B 9 13.13 6.44 15.20
CA ARG B 9 12.02 7.02 14.46
C ARG B 9 10.88 6.01 14.40
N ASP B 10 9.71 6.51 14.04
CA ASP B 10 8.53 5.71 14.00
C ASP B 10 8.21 5.39 12.56
N VAL B 11 7.82 4.15 12.30
CA VAL B 11 7.54 3.61 10.96
C VAL B 11 6.14 2.96 11.02
N TYR B 12 5.21 3.43 10.19
CA TYR B 12 3.97 2.70 10.08
C TYR B 12 4.15 1.31 9.55
N LEU B 13 3.49 0.33 10.15
CA LEU B 13 3.52 -1.02 9.55
C LEU B 13 3.04 -1.00 8.10
N SER B 14 2.09 -0.11 7.81
CA SER B 14 1.52 -0.02 6.47
C SER B 14 2.43 0.79 5.57
N ASP B 15 3.69 0.95 5.96
CA ASP B 15 4.72 1.43 5.04
C ASP B 15 5.77 0.36 4.73
N LEU B 16 5.64 -0.78 5.40
CA LEU B 16 6.55 -1.89 5.26
C LEU B 16 5.84 -3.01 4.46
N ASP B 17 6.61 -3.94 3.89
CA ASP B 17 6.01 -5.11 3.29
C ASP B 17 6.12 -6.30 4.24
N TRP B 18 5.01 -7.03 4.42
CA TRP B 18 5.07 -8.21 5.27
C TRP B 18 5.76 -9.33 4.48
N LEU B 19 6.26 -10.31 5.23
CA LEU B 19 6.76 -11.50 4.59
C LEU B 19 5.63 -12.37 4.11
N ASN B 20 4.54 -12.39 4.87
CA ASN B 20 3.42 -13.24 4.56
C ASN B 20 2.22 -12.70 5.36
N ALA B 21 1.03 -12.86 4.79
CA ALA B 21 -0.20 -12.35 5.44
C ALA B 21 -1.41 -13.20 5.07
N THR B 22 -1.86 -14.05 6.01
CA THR B 22 -3.00 -14.91 5.75
C THR B 22 -4.22 -14.29 6.40
N HIS B 23 -5.39 -14.67 5.92
CA HIS B 23 -6.64 -14.12 6.46
C HIS B 23 -7.71 -15.17 6.39
N GLY B 24 -8.87 -14.87 6.98
CA GLY B 24 -9.95 -15.89 7.03
C GLY B 24 -11.05 -15.70 6.00
N ASP B 25 -10.88 -14.78 5.04
CA ASP B 25 -11.87 -14.66 3.95
C ASP B 25 -11.75 -15.90 3.01
N ASP B 26 -12.89 -16.35 2.50
CA ASP B 26 -12.92 -17.50 1.59
C ASP B 26 -12.26 -17.21 0.23
N THR B 27 -12.34 -15.97 -0.21
CA THR B 27 -11.78 -15.60 -1.52
C THR B 27 -10.30 -15.31 -1.33
N LYS B 28 -9.45 -16.24 -1.76
CA LYS B 28 -8.03 -16.11 -1.52
C LYS B 28 -7.33 -15.09 -2.37
N SER B 29 -7.99 -14.60 -3.42
CA SER B 29 -7.37 -13.53 -4.21
C SER B 29 -7.42 -12.21 -3.48
N LYS B 30 -8.27 -12.12 -2.45
CA LYS B 30 -8.30 -10.93 -1.63
C LYS B 30 -7.07 -10.95 -0.73
N ILE B 31 -6.64 -9.77 -0.33
CA ILE B 31 -5.41 -9.64 0.41
C ILE B 31 -5.62 -8.65 1.58
N VAL B 32 -4.84 -8.90 2.61
CA VAL B 32 -4.78 -7.96 3.70
C VAL B 32 -4.59 -6.57 3.17
N GLN B 33 -5.21 -5.61 3.85
CA GLN B 33 -5.26 -4.22 3.31
C GLN B 33 -4.41 -3.26 4.13
N LYS B 34 -3.79 -2.30 3.44
CA LYS B 34 -3.07 -1.24 4.08
C LYS B 34 -3.93 0.03 4.10
N ASN B 35 -4.12 0.55 5.32
CA ASN B 35 -4.80 1.80 5.46
C ASN B 35 -6.26 1.78 5.06
N HIS B 36 -6.85 0.56 5.08
CA HIS B 36 -8.27 0.38 4.88
C HIS B 36 -8.69 -0.86 5.61
N PRO B 37 -9.98 -0.93 6.01
CA PRO B 37 -10.48 -2.25 6.44
C PRO B 37 -10.48 -3.27 5.27
N PHE B 38 -10.52 -4.56 5.63
CA PHE B 38 -10.28 -5.59 4.62
C PHE B 38 -11.35 -5.57 3.56
N THR B 39 -12.63 -5.62 3.93
CA THR B 39 -13.65 -5.90 2.90
C THR B 39 -13.80 -4.70 2.02
N PRO B 40 -13.97 -3.49 2.61
CA PRO B 40 -14.05 -2.33 1.67
C PRO B 40 -12.78 -2.09 0.84
N GLY B 41 -11.62 -2.34 1.44
CA GLY B 41 -10.34 -2.10 0.74
C GLY B 41 -10.25 -2.99 -0.47
N ASN B 42 -10.60 -4.26 -0.27
CA ASN B 42 -10.56 -5.23 -1.39
C ASN B 42 -11.61 -4.87 -2.43
N ASN B 43 -12.67 -4.24 -1.98
CA ASN B 43 -13.75 -3.85 -2.87
C ASN B 43 -13.43 -2.54 -3.53
N ASN B 44 -12.16 -2.14 -3.49
CA ASN B 44 -11.69 -0.95 -4.18
C ASN B 44 -12.36 0.36 -3.67
N GLN B 45 -12.79 0.33 -2.41
CA GLN B 45 -13.33 1.53 -1.74
C GLN B 45 -12.27 2.26 -0.95
N SER B 46 -12.49 3.56 -0.70
CA SER B 46 -11.51 4.44 -0.05
C SER B 46 -11.75 4.52 1.47
N THR B 47 -12.77 3.81 1.93
CA THR B 47 -13.15 3.81 3.35
C THR B 47 -11.93 3.62 4.23
N LYS B 48 -11.79 4.55 5.17
CA LYS B 48 -10.70 4.49 6.17
C LYS B 48 -11.09 3.62 7.36
N ILE B 49 -10.02 3.14 8.00
CA ILE B 49 -10.16 2.42 9.22
C ILE B 49 -10.87 3.27 10.28
N SER B 50 -11.81 2.67 11.05
CA SER B 50 -12.39 3.37 12.15
C SER B 50 -12.76 2.40 13.26
N LEU B 51 -12.61 2.90 14.49
CA LEU B 51 -12.89 2.07 15.65
C LEU B 51 -13.66 2.89 16.66
N LYS B 52 -14.34 2.12 17.51
CA LYS B 52 -15.04 2.69 18.68
C LYS B 52 -13.99 2.81 19.77
N MET B 53 -13.85 4.03 20.34
CA MET B 53 -12.77 4.24 21.29
CA MET B 53 -12.79 4.32 21.30
C MET B 53 -13.24 4.00 22.72
N GLU B 54 -12.32 4.11 23.67
CA GLU B 54 -12.59 3.77 25.06
C GLU B 54 -13.84 4.48 25.55
N ASP B 55 -14.05 5.71 25.10
CA ASP B 55 -15.21 6.51 25.57
C ASP B 55 -16.46 6.31 24.72
N GLY B 56 -16.32 5.38 23.77
CA GLY B 56 -17.40 5.06 22.87
C GLY B 56 -17.43 5.84 21.54
N SER B 57 -16.77 7.00 21.48
CA SER B 57 -16.80 7.76 20.22
CA SER B 57 -16.82 7.77 20.22
C SER B 57 -16.06 7.01 19.12
N ILE B 58 -16.48 7.24 17.88
CA ILE B 58 -15.82 6.62 16.73
C ILE B 58 -14.69 7.53 16.30
N SER B 59 -13.52 6.92 16.09
CA SER B 59 -12.35 7.63 15.54
CA SER B 59 -12.37 7.63 15.55
C SER B 59 -11.93 6.96 14.22
N GLU B 60 -11.63 7.81 13.24
CA GLU B 60 -11.04 7.34 11.99
C GLU B 60 -9.56 7.45 12.06
N PHE B 61 -8.86 6.52 11.38
CA PHE B 61 -7.43 6.49 11.36
C PHE B 61 -6.96 6.58 9.93
N GLU B 62 -5.90 7.32 9.76
CA GLU B 62 -5.24 7.36 8.44
C GLU B 62 -4.48 6.09 8.07
N LYS B 63 -3.85 5.47 9.07
CA LYS B 63 -3.00 4.35 8.77
C LYS B 63 -3.42 3.11 9.61
N GLY B 64 -3.11 1.97 9.02
CA GLY B 64 -3.22 0.72 9.71
C GLY B 64 -3.34 -0.42 8.74
N LEU B 65 -3.69 -1.58 9.32
CA LEU B 65 -3.86 -2.80 8.57
C LEU B 65 -5.23 -3.38 8.78
N GLY B 66 -5.76 -3.97 7.70
CA GLY B 66 -7.08 -4.52 7.71
C GLY B 66 -7.12 -5.97 7.29
N THR B 67 -7.63 -6.85 8.16
CA THR B 67 -7.64 -8.29 7.90
C THR B 67 -8.98 -8.90 8.32
N ILE B 68 -9.14 -10.16 7.94
CA ILE B 68 -10.26 -11.00 8.46
C ILE B 68 -9.66 -12.04 9.33
N ALA B 69 -10.16 -12.13 10.57
CA ALA B 69 -9.60 -13.13 11.50
C ALA B 69 -9.72 -14.51 10.87
N GLY B 70 -8.75 -15.39 11.23
CA GLY B 70 -8.75 -16.72 10.70
C GLY B 70 -8.30 -17.72 11.76
N SER B 71 -7.61 -18.78 11.34
CA SER B 71 -7.34 -19.86 12.28
C SER B 71 -5.84 -20.24 12.45
N PRO B 72 -5.01 -19.22 12.80
CA PRO B 72 -5.28 -17.78 12.84
C PRO B 72 -4.99 -17.10 11.52
N SER B 73 -5.49 -15.86 11.37
CA SER B 73 -4.89 -14.94 10.38
C SER B 73 -3.54 -14.48 10.97
N THR B 74 -2.45 -14.58 10.17
CA THR B 74 -1.13 -14.20 10.63
C THR B 74 -0.46 -13.26 9.63
N ILE B 75 0.02 -12.10 10.16
CA ILE B 75 0.80 -11.13 9.36
C ILE B 75 2.20 -11.12 9.95
N THR B 76 3.24 -11.41 9.13
CA THR B 76 4.56 -11.55 9.68
C THR B 76 5.51 -10.51 9.09
N TYR B 77 6.31 -9.90 9.97
CA TYR B 77 7.29 -8.90 9.54
C TYR B 77 8.70 -9.37 9.92
N ASP B 78 9.64 -9.20 8.98
CA ASP B 78 11.05 -9.19 9.32
C ASP B 78 11.44 -7.88 10.01
N ILE B 79 11.87 -7.99 11.27
CA ILE B 79 12.39 -6.83 11.98
C ILE B 79 13.89 -7.04 12.30
N SER B 80 14.52 -8.08 11.71
CA SER B 80 15.91 -8.33 11.93
C SER B 80 16.75 -7.10 11.52
N GLY B 81 17.69 -6.73 12.41
CA GLY B 81 18.58 -5.63 12.18
C GLY B 81 18.02 -4.22 12.29
N ALA B 82 16.70 -4.14 12.53
CA ALA B 82 16.00 -2.83 12.44
C ALA B 82 16.01 -2.08 13.74
N GLY B 83 16.44 -2.73 14.82
CA GLY B 83 16.51 -2.02 16.12
C GLY B 83 15.14 -1.58 16.58
N VAL B 84 14.16 -2.47 16.40
CA VAL B 84 12.79 -2.13 16.87
C VAL B 84 12.76 -2.21 18.39
N THR B 85 12.26 -1.11 18.98
CA THR B 85 12.17 -1.06 20.44
C THR B 85 10.73 -0.97 20.96
N LYS B 86 9.76 -0.63 20.09
CA LYS B 86 8.37 -0.46 20.54
C LYS B 86 7.38 -0.78 19.40
N PHE B 87 6.21 -1.28 19.75
CA PHE B 87 5.11 -1.52 18.84
C PHE B 87 3.89 -0.85 19.45
N PHE B 88 3.14 -0.09 18.64
CA PHE B 88 1.92 0.55 19.05
C PHE B 88 0.82 0.20 18.03
N SER B 89 -0.36 -0.11 18.53
CA SER B 89 -1.50 -0.18 17.66
C SER B 89 -2.74 -0.11 18.52
N TYR B 90 -3.80 0.40 17.96
CA TYR B 90 -5.15 0.07 18.47
C TYR B 90 -5.65 -1.18 17.81
N LEU B 91 -6.40 -1.98 18.59
CA LEU B 91 -6.99 -3.20 18.07
C LEU B 91 -8.48 -3.14 18.17
N GLY B 92 -9.15 -3.71 17.19
CA GLY B 92 -10.56 -3.79 17.24
C GLY B 92 -11.22 -4.32 16.01
N ILE B 93 -12.57 -4.36 16.04
CA ILE B 93 -13.34 -4.69 14.84
C ILE B 93 -13.76 -3.35 14.17
N ASP B 94 -13.42 -3.20 12.88
CA ASP B 94 -13.71 -1.99 12.17
C ASP B 94 -15.21 -1.73 12.19
N ARG B 95 -15.58 -0.44 12.23
CA ARG B 95 -16.95 -0.07 12.23
C ARG B 95 -17.70 -0.48 10.98
N SER B 96 -16.96 -0.68 9.88
CA SER B 96 -17.59 -1.08 8.65
C SER B 96 -18.22 -2.48 8.74
N ALA B 97 -17.80 -3.26 9.75
CA ALA B 97 -18.33 -4.57 9.86
C ALA B 97 -19.79 -4.48 10.16
N ASN B 98 -20.53 -5.58 9.83
CA ASN B 98 -21.97 -5.55 9.96
CA ASN B 98 -22.00 -5.56 9.91
C ASN B 98 -22.44 -6.62 10.96
N PRO B 99 -22.85 -6.19 12.16
CA PRO B 99 -23.13 -7.15 13.23
C PRO B 99 -24.55 -7.66 13.13
N ILE B 100 -24.79 -8.45 12.10
CA ILE B 100 -26.20 -8.81 11.78
C ILE B 100 -26.81 -9.79 12.77
N ASN B 101 -25.95 -10.62 13.34
CA ASN B 101 -26.36 -11.47 14.47
C ASN B 101 -25.17 -11.79 15.33
N GLU B 102 -25.40 -12.53 16.40
CA GLU B 102 -24.32 -12.92 17.31
CA GLU B 102 -24.37 -12.99 17.31
C GLU B 102 -23.20 -13.37 16.38
N GLN B 103 -23.49 -14.39 15.57
CA GLN B 103 -22.43 -15.14 14.86
C GLN B 103 -21.43 -14.24 14.12
N TYR B 104 -21.81 -12.98 13.87
CA TYR B 104 -20.86 -12.05 13.22
C TYR B 104 -20.00 -11.16 14.18
N ALA B 105 -18.81 -10.76 13.73
CA ALA B 105 -17.99 -9.84 14.47
C ALA B 105 -17.70 -10.35 15.87
N LYS B 106 -17.21 -11.58 15.93
CA LYS B 106 -16.81 -12.21 17.20
C LYS B 106 -15.39 -12.73 17.03
N VAL B 107 -14.37 -12.09 17.66
CA VAL B 107 -12.96 -12.48 17.48
C VAL B 107 -12.45 -13.07 18.81
N ASP B 108 -11.94 -14.30 18.81
CA ASP B 108 -11.59 -14.95 20.07
C ASP B 108 -10.45 -14.20 20.79
N LYS B 109 -9.46 -13.81 20.02
CA LYS B 109 -8.35 -13.07 20.59
C LYS B 109 -7.42 -12.58 19.46
N ILE B 110 -6.54 -11.63 19.83
CA ILE B 110 -5.47 -11.11 18.94
C ILE B 110 -4.18 -11.19 19.74
N GLU B 111 -3.10 -11.73 19.14
CA GLU B 111 -1.82 -11.85 19.78
C GLU B 111 -0.77 -11.04 18.99
N VAL B 112 0.20 -10.52 19.71
CA VAL B 112 1.42 -10.01 19.12
C VAL B 112 2.54 -11.00 19.54
N VAL B 113 3.23 -11.59 18.54
CA VAL B 113 4.19 -12.67 18.81
C VAL B 113 5.55 -12.14 18.29
N VAL B 114 6.59 -12.28 19.06
CA VAL B 114 7.92 -11.89 18.63
C VAL B 114 8.82 -13.10 18.77
N ASP B 115 9.45 -13.50 17.67
CA ASP B 115 10.35 -14.66 17.70
C ASP B 115 9.70 -15.85 18.41
N GLY B 116 8.43 -16.06 18.10
CA GLY B 116 7.72 -17.24 18.53
C GLY B 116 7.10 -17.14 19.89
N LYS B 117 7.42 -16.07 20.63
CA LYS B 117 6.85 -15.81 21.94
C LYS B 117 5.63 -14.85 21.90
N VAL B 118 4.55 -15.25 22.58
CA VAL B 118 3.41 -14.40 22.66
C VAL B 118 3.76 -13.32 23.68
N ILE B 119 3.97 -12.07 23.21
CA ILE B 119 4.31 -11.00 24.14
C ILE B 119 3.12 -10.12 24.54
N TYR B 120 2.00 -10.31 23.84
CA TYR B 120 0.78 -9.63 24.15
C TYR B 120 -0.41 -10.39 23.60
N SER B 121 -1.43 -10.58 24.43
CA SER B 121 -2.68 -11.16 23.97
C SER B 121 -3.89 -10.48 24.57
N THR B 122 -4.93 -10.29 23.75
CA THR B 122 -6.18 -9.74 24.26
C THR B 122 -6.89 -10.66 25.21
N ILE B 123 -6.43 -11.93 25.27
CA ILE B 123 -7.21 -12.88 26.06
C ILE B 123 -7.12 -12.53 27.51
N ASN B 124 -6.03 -11.91 27.90
CA ASN B 124 -5.80 -11.62 29.34
C ASN B 124 -6.89 -10.66 29.88
N GLN B 125 -7.17 -9.62 29.13
CA GLN B 125 -8.27 -8.71 29.46
CA GLN B 125 -8.27 -8.71 29.46
C GLN B 125 -9.63 -8.86 28.80
N PHE B 126 -9.71 -9.70 27.78
CA PHE B 126 -10.98 -10.07 27.19
C PHE B 126 -11.03 -11.57 26.97
N PRO B 127 -11.14 -12.32 28.10
CA PRO B 127 -11.17 -13.73 27.84
C PRO B 127 -12.34 -14.23 27.00
N ASN B 128 -13.43 -13.45 26.90
CA ASN B 128 -14.58 -13.88 26.06
C ASN B 128 -14.56 -13.41 24.62
N GLY B 129 -13.53 -12.65 24.29
CA GLY B 129 -13.28 -12.26 22.89
C GLY B 129 -13.68 -10.80 22.71
N LEU B 130 -13.42 -10.33 21.49
CA LEU B 130 -13.80 -8.99 21.03
C LEU B 130 -15.10 -9.11 20.29
N THR B 131 -15.92 -8.07 20.39
CA THR B 131 -17.15 -8.01 19.65
C THR B 131 -17.22 -6.70 18.91
N TYR B 132 -18.28 -6.51 18.14
CA TYR B 132 -18.39 -5.25 17.47
C TYR B 132 -18.37 -4.04 18.41
N GLU B 133 -18.92 -4.15 19.61
CA GLU B 133 -19.03 -3.01 20.52
C GLU B 133 -18.01 -3.03 21.64
N THR B 134 -16.99 -3.90 21.52
CA THR B 134 -15.83 -3.81 22.41
C THR B 134 -15.05 -2.53 22.03
N PRO B 135 -14.81 -1.67 23.00
CA PRO B 135 -13.93 -0.52 22.69
C PRO B 135 -12.53 -0.92 22.27
N ALA B 136 -11.93 -0.03 21.51
CA ALA B 136 -10.61 -0.27 21.00
C ALA B 136 -9.68 -0.56 22.14
N ILE B 137 -8.71 -1.48 21.89
CA ILE B 137 -7.68 -1.85 22.83
C ILE B 137 -6.35 -1.19 22.36
N LYS B 138 -5.77 -0.39 23.25
CA LYS B 138 -4.52 0.31 23.03
C LYS B 138 -3.34 -0.57 23.41
N VAL B 139 -2.53 -0.97 22.38
CA VAL B 139 -1.34 -1.78 22.62
C VAL B 139 -0.06 -0.94 22.48
N ASP B 140 0.76 -0.88 23.50
CA ASP B 140 1.91 -0.03 23.51
C ASP B 140 2.96 -0.88 24.25
N LEU B 141 3.87 -1.50 23.51
CA LEU B 141 4.67 -2.62 23.95
C LEU B 141 6.15 -2.55 23.65
N ASN B 142 7.01 -2.88 24.62
CA ASN B 142 8.40 -3.04 24.34
C ASN B 142 8.63 -4.26 23.48
N ILE B 143 9.63 -4.16 22.60
CA ILE B 143 10.05 -5.29 21.77
C ILE B 143 11.49 -5.62 22.19
N PRO B 144 11.75 -6.94 22.40
CA PRO B 144 13.09 -7.37 22.81
C PRO B 144 14.20 -7.04 21.83
N GLU B 145 15.35 -6.70 22.37
CA GLU B 145 16.56 -6.41 21.55
C GLU B 145 16.89 -7.62 20.71
N ASN B 146 17.41 -7.32 19.53
CA ASN B 146 17.86 -8.33 18.58
C ASN B 146 16.77 -9.27 18.07
N ALA B 147 15.51 -8.84 18.23
CA ALA B 147 14.38 -9.59 17.66
C ALA B 147 14.39 -9.65 16.13
N LYS B 148 13.85 -10.76 15.59
CA LYS B 148 13.91 -10.98 14.12
C LYS B 148 12.57 -11.04 13.42
N ARG B 149 11.53 -11.44 14.14
CA ARG B 149 10.21 -11.60 13.56
C ARG B 149 9.15 -11.05 14.53
N LEU B 150 8.19 -10.35 13.97
CA LEU B 150 6.97 -9.99 14.71
C LEU B 150 5.75 -10.43 13.90
N GLN B 151 4.84 -11.09 14.58
CA GLN B 151 3.65 -11.53 13.94
C GLN B 151 2.41 -10.99 14.63
N LEU B 152 1.41 -10.62 13.82
CA LEU B 152 0.08 -10.24 14.34
C LEU B 152 -0.87 -11.37 14.01
N LYS B 153 -1.46 -11.96 15.08
CA LYS B 153 -2.30 -13.11 14.89
C LYS B 153 -3.71 -12.86 15.39
N SER B 154 -4.71 -13.08 14.51
CA SER B 154 -6.08 -12.86 14.94
C SER B 154 -6.87 -14.12 14.70
N TYR B 155 -7.64 -14.47 15.72
CA TYR B 155 -8.31 -15.76 15.75
C TYR B 155 -9.82 -15.60 15.65
N ALA B 156 -10.39 -16.19 14.60
CA ALA B 156 -11.77 -15.97 14.26
C ALA B 156 -12.72 -16.75 15.17
N GLY B 157 -12.22 -17.88 15.67
CA GLY B 157 -13.17 -18.79 16.37
C GLY B 157 -14.06 -19.58 15.43
N GLU B 158 -15.34 -19.72 15.79
CA GLU B 158 -16.23 -20.63 15.08
C GLU B 158 -16.45 -20.26 13.62
N LYS B 159 -16.53 -18.96 13.33
CA LYS B 159 -16.76 -18.49 11.97
C LYS B 159 -16.11 -17.13 11.74
N THR B 160 -15.72 -16.88 10.49
CA THR B 160 -14.95 -15.68 10.16
C THR B 160 -15.84 -14.48 9.91
N TRP B 161 -17.18 -14.67 9.92
CA TRP B 161 -18.10 -13.66 9.43
C TRP B 161 -17.99 -12.36 10.22
N GLY B 162 -17.81 -11.27 9.49
CA GLY B 162 -17.76 -10.01 10.10
C GLY B 162 -16.53 -9.72 10.93
N ASP B 163 -15.55 -10.64 10.87
CA ASP B 163 -14.32 -10.48 11.72
C ASP B 163 -13.33 -9.49 11.09
N GLU B 164 -13.81 -8.25 10.93
CA GLU B 164 -13.01 -7.20 10.29
C GLU B 164 -12.01 -6.61 11.31
N VAL B 165 -10.95 -7.37 11.56
CA VAL B 165 -9.95 -6.92 12.45
C VAL B 165 -9.06 -5.84 11.86
N VAL B 166 -8.95 -4.72 12.57
CA VAL B 166 -8.00 -3.69 12.18
C VAL B 166 -6.94 -3.44 13.25
N TYR B 167 -5.72 -3.21 12.76
CA TYR B 167 -4.64 -2.75 13.54
C TYR B 167 -4.46 -1.27 13.19
N ALA B 168 -5.13 -0.44 13.99
CA ALA B 168 -5.26 0.97 13.64
C ALA B 168 -4.06 1.77 14.16
N ASP B 169 -3.49 2.60 13.30
CA ASP B 169 -2.32 3.37 13.68
C ASP B 169 -1.11 2.53 14.05
N ALA B 170 -1.08 1.29 13.58
CA ALA B 170 0.01 0.38 13.90
C ALA B 170 1.36 0.96 13.47
N LYS B 171 2.31 1.00 14.39
CA LYS B 171 3.60 1.56 14.12
C LYS B 171 4.70 0.93 14.97
N PHE B 172 5.90 0.82 14.40
CA PHE B 172 7.09 0.46 15.10
C PHE B 172 7.85 1.70 15.45
N THR B 173 8.61 1.63 16.55
CA THR B 173 9.68 2.56 16.76
C THR B 173 10.97 1.81 16.61
N ALA B 174 11.91 2.38 15.86
CA ALA B 174 13.07 1.64 15.38
C ALA B 174 14.32 2.50 15.38
N LYS B 175 15.44 1.92 15.82
CA LYS B 175 16.74 2.61 15.81
C LYS B 175 17.43 2.51 14.44
N GLY B 176 17.06 1.50 13.64
CA GLY B 176 17.76 1.15 12.37
C GLY B 176 16.86 1.12 11.13
N ASP B 177 17.37 0.46 10.11
CA ASP B 177 16.67 0.26 8.85
C ASP B 177 16.06 -1.12 8.74
N PHE B 178 14.92 -1.18 8.06
CA PHE B 178 14.26 -2.44 7.77
C PHE B 178 14.77 -3.09 6.47
N VAL B 179 14.70 -4.42 6.40
CA VAL B 179 15.17 -5.14 5.19
C VAL B 179 14.21 -4.84 4.03
#